data_5EXX
#
_entry.id   5EXX
#
_cell.length_a   137.836
_cell.length_b   137.836
_cell.length_c   172.773
_cell.angle_alpha   90.00
_cell.angle_beta   90.00
_cell.angle_gamma   120.00
#
_symmetry.space_group_name_H-M   'P 63 2 2'
#
loop_
_entity.id
_entity.type
_entity.pdbx_description
1 polymer 'Transcriptional regulator FleQ'
2 non-polymer 'SULFATE ION'
3 non-polymer "9,9'-[(2R,3R,3aS,5S,7aR,9R,10R,10aS,12S,14aR)-3,5,10,12-tetrahydroxy-5,12-dioxidooctahydro-2H,7H-difuro[3,2-d:3',2'-j][1,3,7,9,2,8]tetraoxadiphosphacyclododecine-2,9-diyl]bis(2-amino-1,9-dihydro-6H-purin-6-one)"
#
_entity_poly.entity_id   1
_entity_poly.type   'polypeptide(L)'
_entity_poly.pdbx_seq_one_letter_code
;SGSREPNLFRSLVGTSRAIQQVRQMMQQVADTDASVLILGESGTGKEVVARNLHYHSKRREGPFVPVNCGAIPAELLESE
LFGHEKGAFTGAITSRAGRFELANGGTLFLDEIGDMPLPMQVKLLRVLQERTFERVGSNKTQNVDVRIIAATHKNLEKMI
EDGTFREDLYYRLNVFPIEMAPLRERVEDIALLLNELISRMEHEKRGSIRFNSAAIMSLCRHDWPGNVRELANLVERLAI
MHPYGVIGVGELPKKFRHVDDEDEQLASSLREELEERAAINAGLPGMDAPAMLPAEGLDLKDYLANLEQGLIQQALDDAG
GVVARAAERLRIRRTTLVEKMRK
;
_entity_poly.pdbx_strand_id   A
#
loop_
_chem_comp.id
_chem_comp.type
_chem_comp.name
_chem_comp.formula
C2E non-polymer 9,9'-[(2R,3R,3aS,5S,7aR,9R,10R,10aS,12S,14aR)-3,5,10,12-tetrahydroxy-5,12-dioxidooctahydro-2H,7H-difuro[3,2-d:3',2'-j][1,3,7,9,2,8]tetraoxadiphosphacyclododecine-2,9-diyl]bis(2-amino-1,9-dihydro-6H-purin-6-one) 'C20 H24 N10 O14 P2'
SO4 non-polymer 'SULFATE ION' 'O4 S -2'
#
# COMPACT_ATOMS: atom_id res chain seq x y z
N ARG A 4 10.64 -11.24 -7.02
CA ARG A 4 9.59 -11.11 -8.03
C ARG A 4 9.71 -9.88 -8.98
N GLU A 5 8.59 -9.35 -9.49
CA GLU A 5 8.62 -8.06 -10.24
C GLU A 5 8.07 -6.80 -9.56
N PRO A 6 7.98 -6.77 -8.22
CA PRO A 6 7.12 -5.73 -7.59
C PRO A 6 7.46 -4.18 -7.81
N ASN A 7 8.70 -3.75 -7.52
CA ASN A 7 9.17 -2.34 -7.48
C ASN A 7 8.98 -1.61 -6.10
N LEU A 8 8.71 -2.37 -5.05
CA LEU A 8 8.88 -1.82 -3.71
C LEU A 8 9.70 -2.70 -2.73
N PHE A 9 10.32 -2.00 -1.78
CA PHE A 9 11.51 -2.43 -1.04
C PHE A 9 11.54 -2.18 0.48
N ARG A 10 12.64 -2.57 1.10
CA ARG A 10 13.08 -2.03 2.37
C ARG A 10 12.95 -0.52 2.45
N SER A 11 11.98 0.04 3.16
CA SER A 11 11.80 1.47 2.99
C SER A 11 11.60 2.24 4.25
N LEU A 12 11.58 1.53 5.37
CA LEU A 12 11.53 2.19 6.68
C LEU A 12 12.98 2.47 7.26
N VAL A 13 13.97 2.54 6.35
CA VAL A 13 15.31 2.98 6.64
C VAL A 13 15.22 4.51 6.97
N GLY A 14 15.94 4.98 7.99
CA GLY A 14 15.85 6.39 8.25
C GLY A 14 16.35 6.98 9.56
N THR A 15 16.99 8.13 9.41
CA THR A 15 17.48 8.92 10.52
C THR A 15 16.35 9.77 11.10
N SER A 16 15.72 10.58 10.23
CA SER A 16 14.80 11.68 10.57
C SER A 16 13.81 11.37 11.69
N ARG A 17 13.43 12.38 12.47
CA ARG A 17 12.48 12.14 13.53
C ARG A 17 11.17 11.77 12.85
N ALA A 18 10.93 12.35 11.66
CA ALA A 18 9.73 12.07 10.89
C ALA A 18 9.44 10.56 10.81
N ILE A 19 10.39 9.83 10.24
CA ILE A 19 10.22 8.39 10.03
C ILE A 19 10.48 7.62 11.31
N GLN A 20 11.08 8.28 12.29
CA GLN A 20 11.31 7.63 13.55
C GLN A 20 9.98 7.38 14.20
N GLN A 21 9.13 8.41 14.23
CA GLN A 21 7.87 8.34 14.94
C GLN A 21 6.86 7.49 14.19
N VAL A 22 7.04 7.34 12.88
CA VAL A 22 6.15 6.46 12.11
C VAL A 22 6.53 5.01 12.39
N ARG A 23 7.74 4.82 12.91
CA ARG A 23 8.18 3.49 13.32
C ARG A 23 7.66 3.24 14.72
N GLN A 24 7.66 4.30 15.51
CA GLN A 24 7.07 4.27 16.83
C GLN A 24 5.63 3.81 16.73
N MET A 25 4.90 4.42 15.79
CA MET A 25 3.50 4.08 15.54
C MET A 25 3.38 2.58 15.34
N MET A 26 4.33 2.03 14.60
CA MET A 26 4.24 0.65 14.19
C MET A 26 4.37 -0.25 15.41
N GLN A 27 5.19 0.16 16.37
CA GLN A 27 5.38 -0.61 17.60
C GLN A 27 4.07 -0.82 18.34
N GLN A 28 3.34 0.26 18.53
CA GLN A 28 2.05 0.26 19.22
C GLN A 28 1.18 -0.94 18.86
N VAL A 29 1.01 -1.13 17.56
CA VAL A 29 -0.11 -1.88 17.03
C VAL A 29 0.28 -3.28 16.54
N ALA A 30 1.52 -3.66 16.78
CA ALA A 30 2.13 -4.84 16.14
C ALA A 30 1.80 -6.18 16.82
N ASP A 31 1.17 -6.12 17.99
CA ASP A 31 0.83 -7.32 18.75
C ASP A 31 -0.54 -7.80 18.35
N THR A 32 -1.24 -6.92 17.66
CA THR A 32 -2.69 -6.96 17.57
C THR A 32 -3.27 -7.59 16.30
N ASP A 33 -4.50 -8.06 16.44
CA ASP A 33 -5.27 -8.60 15.33
C ASP A 33 -6.29 -7.58 14.87
N ALA A 34 -6.33 -6.44 15.56
CA ALA A 34 -7.37 -5.47 15.30
C ALA A 34 -6.98 -4.60 14.12
N SER A 35 -8.00 -3.98 13.53
CA SER A 35 -7.87 -3.28 12.25
C SER A 35 -6.92 -2.12 12.33
N VAL A 36 -6.32 -1.76 11.19
CA VAL A 36 -5.38 -0.62 11.13
C VAL A 36 -5.67 0.26 9.94
N LEU A 37 -5.61 1.57 10.15
CA LEU A 37 -5.83 2.52 9.07
C LEU A 37 -4.60 3.37 8.81
N ILE A 38 -4.10 3.36 7.58
CA ILE A 38 -2.93 4.14 7.24
C ILE A 38 -3.29 5.36 6.41
N LEU A 39 -2.94 6.53 6.90
CA LEU A 39 -3.30 7.75 6.22
C LEU A 39 -2.07 8.45 5.74
N GLY A 40 -2.16 9.08 4.58
CA GLY A 40 -1.05 9.87 4.09
C GLY A 40 -1.20 9.95 2.61
N GLU A 41 -0.29 10.67 1.94
CA GLU A 41 -0.42 10.82 0.50
C GLU A 41 -0.15 9.49 -0.16
N SER A 42 -0.52 9.34 -1.41
CA SER A 42 -0.20 8.11 -2.10
C SER A 42 1.29 8.03 -2.24
N GLY A 43 1.79 6.86 -2.60
CA GLY A 43 3.19 6.70 -2.93
C GLY A 43 4.14 7.10 -1.80
N THR A 44 3.63 7.08 -0.59
CA THR A 44 4.43 7.37 0.57
C THR A 44 4.77 6.05 1.27
N GLY A 45 4.72 4.98 0.49
CA GLY A 45 5.17 3.66 0.92
C GLY A 45 4.20 2.92 1.82
N LYS A 46 2.90 3.14 1.64
CA LYS A 46 1.95 2.64 2.63
C LYS A 46 2.02 1.13 2.68
N GLU A 47 2.10 0.53 1.49
CA GLU A 47 1.94 -0.91 1.38
C GLU A 47 2.97 -1.60 2.22
N VAL A 48 4.21 -1.13 2.07
CA VAL A 48 5.37 -1.63 2.82
C VAL A 48 5.12 -1.56 4.32
N VAL A 49 4.40 -0.52 4.76
CA VAL A 49 4.09 -0.32 6.18
C VAL A 49 3.18 -1.42 6.64
N ALA A 50 2.22 -1.75 5.79
CA ALA A 50 1.33 -2.88 6.03
C ALA A 50 2.07 -4.22 6.01
N ARG A 51 2.74 -4.48 4.88
CA ARG A 51 3.45 -5.74 4.63
C ARG A 51 4.29 -6.18 5.80
N ASN A 52 4.80 -5.18 6.50
CA ASN A 52 5.57 -5.38 7.69
C ASN A 52 4.70 -5.92 8.80
N LEU A 53 3.64 -5.16 9.09
CA LEU A 53 2.72 -5.47 10.17
C LEU A 53 2.29 -6.91 10.09
N HIS A 54 2.19 -7.40 8.86
CA HIS A 54 1.91 -8.81 8.61
C HIS A 54 2.98 -9.69 9.19
N TYR A 55 4.21 -9.51 8.72
CA TYR A 55 5.32 -10.40 9.04
C TYR A 55 5.58 -10.54 10.52
N HIS A 56 5.49 -9.42 11.22
CA HIS A 56 5.79 -9.38 12.63
C HIS A 56 4.44 -9.42 13.37
N SER A 57 3.43 -9.91 12.67
CA SER A 57 2.20 -10.29 13.36
C SER A 57 2.37 -11.72 13.84
N LYS A 58 1.27 -12.30 14.31
CA LYS A 58 1.23 -13.68 14.77
C LYS A 58 0.88 -14.59 13.60
N ARG A 59 0.61 -13.96 12.46
CA ARG A 59 0.09 -14.67 11.32
C ARG A 59 0.99 -14.58 10.11
N ARG A 60 2.29 -14.38 10.31
CA ARG A 60 3.15 -14.18 9.15
C ARG A 60 3.08 -15.40 8.25
N GLU A 61 2.97 -16.56 8.87
CA GLU A 61 2.96 -17.82 8.12
C GLU A 61 1.78 -17.95 7.14
N GLY A 62 0.79 -17.06 7.27
CA GLY A 62 -0.35 -17.04 6.38
C GLY A 62 -0.10 -16.14 5.18
N PRO A 63 -1.14 -15.87 4.38
CA PRO A 63 -1.11 -15.01 3.19
C PRO A 63 -1.40 -13.52 3.41
N PHE A 64 -1.28 -12.78 2.33
CA PHE A 64 -1.35 -11.33 2.31
C PHE A 64 -1.90 -10.93 0.95
N VAL A 65 -3.10 -10.34 0.92
CA VAL A 65 -3.68 -9.90 -0.34
C VAL A 65 -3.85 -8.40 -0.47
N PRO A 66 -3.19 -7.82 -1.46
CA PRO A 66 -3.36 -6.41 -1.77
C PRO A 66 -4.40 -6.23 -2.85
N VAL A 67 -5.26 -5.26 -2.62
CA VAL A 67 -6.25 -4.90 -3.61
C VAL A 67 -6.44 -3.40 -3.55
N ASN A 68 -6.10 -2.72 -4.63
CA ASN A 68 -6.35 -1.30 -4.68
C ASN A 68 -7.68 -1.10 -5.38
N CYS A 69 -8.62 -0.58 -4.61
CA CYS A 69 -9.97 -0.36 -5.07
C CYS A 69 -9.97 0.57 -6.28
N GLY A 70 -8.89 1.32 -6.43
CA GLY A 70 -8.77 2.21 -7.56
C GLY A 70 -8.88 1.46 -8.88
N ALA A 71 -7.88 0.63 -9.16
CA ALA A 71 -7.68 0.08 -10.51
C ALA A 71 -8.74 -0.91 -10.98
N ILE A 72 -9.42 -1.57 -10.06
CA ILE A 72 -10.55 -2.40 -10.49
C ILE A 72 -11.70 -1.48 -10.83
N PRO A 73 -12.39 -1.76 -11.95
CA PRO A 73 -13.63 -1.06 -12.27
C PRO A 73 -14.69 -1.22 -11.17
N ALA A 74 -15.82 -0.55 -11.34
CA ALA A 74 -16.80 -0.51 -10.27
C ALA A 74 -17.67 -1.77 -10.22
N GLU A 75 -18.04 -2.30 -11.38
CA GLU A 75 -19.02 -3.39 -11.48
C GLU A 75 -18.49 -4.73 -10.96
N LEU A 76 -17.21 -4.98 -11.18
CA LEU A 76 -16.63 -6.27 -10.85
C LEU A 76 -16.18 -6.30 -9.40
N LEU A 77 -16.04 -5.12 -8.81
CA LEU A 77 -15.51 -4.95 -7.47
C LEU A 77 -16.05 -5.96 -6.44
N GLU A 78 -17.27 -6.43 -6.64
CA GLU A 78 -17.88 -7.32 -5.66
C GLU A 78 -17.40 -8.76 -5.77
N SER A 79 -17.28 -9.25 -7.01
CA SER A 79 -16.82 -10.62 -7.24
C SER A 79 -15.33 -10.79 -6.96
N GLU A 80 -14.53 -9.79 -7.31
CA GLU A 80 -13.10 -9.78 -7.00
C GLU A 80 -12.87 -9.99 -5.52
N LEU A 81 -13.76 -9.42 -4.72
CA LEU A 81 -13.62 -9.46 -3.28
C LEU A 81 -14.35 -10.64 -2.66
N PHE A 82 -15.47 -11.06 -3.22
CA PHE A 82 -16.29 -12.07 -2.57
C PHE A 82 -16.33 -13.38 -3.32
N GLY A 83 -16.39 -13.32 -4.64
CA GLY A 83 -16.31 -14.52 -5.44
C GLY A 83 -17.62 -15.01 -6.02
N HIS A 84 -17.58 -15.41 -7.28
CA HIS A 84 -18.77 -15.87 -7.98
C HIS A 84 -18.73 -17.37 -8.29
N GLU A 85 -19.79 -18.08 -7.89
CA GLU A 85 -20.04 -19.45 -8.35
C GLU A 85 -20.57 -19.38 -9.78
N LYS A 86 -19.95 -20.13 -10.69
CA LYS A 86 -20.22 -20.00 -12.13
C LYS A 86 -21.72 -19.95 -12.45
N GLY A 87 -22.16 -18.82 -13.02
CA GLY A 87 -23.53 -18.70 -13.49
C GLY A 87 -24.41 -17.64 -12.83
N ALA A 88 -24.20 -17.37 -11.53
CA ALA A 88 -25.05 -16.43 -10.79
C ALA A 88 -24.73 -14.96 -11.10
N PHE A 89 -23.67 -14.76 -11.88
CA PHE A 89 -23.33 -13.45 -12.42
C PHE A 89 -23.34 -13.57 -13.94
N THR A 90 -24.12 -12.69 -14.59
CA THR A 90 -24.29 -12.74 -16.04
C THR A 90 -22.93 -12.78 -16.75
N GLY A 91 -22.47 -13.98 -17.07
CA GLY A 91 -21.17 -14.16 -17.69
C GLY A 91 -20.10 -14.62 -16.72
N ALA A 92 -20.51 -15.20 -15.60
CA ALA A 92 -19.57 -15.82 -14.66
C ALA A 92 -19.30 -17.25 -15.09
N ILE A 93 -18.20 -17.45 -15.80
CA ILE A 93 -17.88 -18.76 -16.39
C ILE A 93 -17.05 -19.60 -15.41
N THR A 94 -16.46 -18.91 -14.45
CA THR A 94 -15.53 -19.52 -13.51
C THR A 94 -16.08 -19.52 -12.08
N SER A 95 -15.85 -20.60 -11.35
CA SER A 95 -16.15 -20.65 -9.92
C SER A 95 -14.97 -20.11 -9.10
N ARG A 96 -14.78 -18.79 -9.16
CA ARG A 96 -13.63 -18.14 -8.54
C ARG A 96 -13.84 -17.87 -7.07
N ALA A 97 -12.76 -17.52 -6.40
CA ALA A 97 -12.81 -17.14 -5.00
C ALA A 97 -12.61 -15.63 -4.89
N GLY A 98 -13.13 -15.03 -3.82
CA GLY A 98 -12.90 -13.62 -3.58
C GLY A 98 -11.58 -13.41 -2.87
N ARG A 99 -11.23 -12.18 -2.53
CA ARG A 99 -10.02 -11.96 -1.77
C ARG A 99 -10.22 -12.28 -0.31
N PHE A 100 -11.44 -12.47 0.14
CA PHE A 100 -11.62 -12.79 1.55
C PHE A 100 -11.41 -14.27 1.75
N GLU A 101 -11.95 -15.06 0.84
CA GLU A 101 -11.61 -16.46 0.70
C GLU A 101 -10.10 -16.55 0.78
N LEU A 102 -9.47 -15.82 -0.14
CA LEU A 102 -8.03 -15.90 -0.34
C LEU A 102 -7.23 -15.57 0.92
N ALA A 103 -7.64 -14.51 1.62
CA ALA A 103 -6.86 -14.00 2.73
C ALA A 103 -7.21 -14.70 4.05
N ASN A 104 -8.14 -15.65 4.00
CA ASN A 104 -8.42 -16.44 5.20
C ASN A 104 -7.12 -17.05 5.72
N GLY A 105 -6.75 -16.65 6.92
CA GLY A 105 -5.44 -16.97 7.46
C GLY A 105 -4.65 -15.71 7.72
N GLY A 106 -4.05 -15.15 6.68
CA GLY A 106 -3.28 -13.94 6.83
C GLY A 106 -4.14 -12.69 6.95
N THR A 107 -3.68 -11.61 6.32
CA THR A 107 -4.35 -10.33 6.40
C THR A 107 -4.64 -9.85 4.98
N LEU A 108 -5.46 -8.81 4.81
CA LEU A 108 -5.70 -8.26 3.47
C LEU A 108 -5.69 -6.73 3.43
N PHE A 109 -5.09 -6.19 2.37
CA PHE A 109 -4.76 -4.77 2.26
C PHE A 109 -5.67 -3.99 1.28
N LEU A 110 -6.23 -2.87 1.74
CA LEU A 110 -7.16 -2.08 0.92
C LEU A 110 -6.67 -0.67 0.60
N ASP A 111 -6.63 -0.33 -0.68
CA ASP A 111 -6.09 0.96 -1.05
C ASP A 111 -7.15 1.98 -1.39
N GLU A 112 -6.84 3.25 -1.09
CA GLU A 112 -7.78 4.37 -1.15
C GLU A 112 -9.22 3.91 -0.92
N ILE A 113 -9.48 3.49 0.31
CA ILE A 113 -10.80 3.15 0.76
C ILE A 113 -11.78 4.27 0.47
N GLY A 114 -11.32 5.51 0.58
CA GLY A 114 -12.11 6.66 0.21
C GLY A 114 -12.66 6.56 -1.19
N ASP A 115 -12.03 5.73 -2.03
CA ASP A 115 -12.54 5.43 -3.36
C ASP A 115 -13.65 4.39 -3.34
N MET A 116 -13.46 3.34 -2.53
CA MET A 116 -14.36 2.18 -2.54
C MET A 116 -15.85 2.52 -2.29
N PRO A 117 -16.68 2.30 -3.33
CA PRO A 117 -18.06 2.77 -3.50
C PRO A 117 -18.93 2.55 -2.27
N LEU A 118 -19.95 3.39 -2.15
CA LEU A 118 -20.96 3.28 -1.10
C LEU A 118 -21.58 1.88 -1.03
N PRO A 119 -22.12 1.35 -2.17
CA PRO A 119 -22.66 -0.02 -2.11
C PRO A 119 -21.71 -1.04 -1.47
N MET A 120 -20.47 -1.13 -1.95
CA MET A 120 -19.52 -2.16 -1.50
C MET A 120 -19.12 -2.05 -0.03
N GLN A 121 -18.91 -0.83 0.44
CA GLN A 121 -18.47 -0.59 1.82
C GLN A 121 -19.56 -0.97 2.83
N VAL A 122 -20.81 -1.05 2.38
CA VAL A 122 -21.85 -1.55 3.27
C VAL A 122 -21.52 -3.03 3.60
N LYS A 123 -21.30 -3.86 2.57
CA LYS A 123 -21.09 -5.31 2.72
C LYS A 123 -19.82 -5.49 3.52
N LEU A 124 -18.88 -4.62 3.21
CA LEU A 124 -17.64 -4.58 3.94
C LEU A 124 -17.91 -4.52 5.43
N LEU A 125 -18.85 -3.67 5.85
CA LEU A 125 -19.12 -3.52 7.26
C LEU A 125 -19.52 -4.86 7.82
N ARG A 126 -20.32 -5.57 7.05
CA ARG A 126 -20.87 -6.83 7.52
C ARG A 126 -19.74 -7.73 7.97
N VAL A 127 -18.90 -8.14 7.02
CA VAL A 127 -17.91 -9.17 7.27
C VAL A 127 -16.96 -8.90 8.46
N LEU A 128 -16.77 -7.65 8.85
CA LEU A 128 -15.92 -7.36 10.01
C LEU A 128 -16.76 -7.36 11.29
N GLN A 129 -18.07 -7.48 11.11
CA GLN A 129 -19.00 -7.67 12.21
C GLN A 129 -19.63 -9.05 12.08
N GLU A 130 -19.97 -9.43 10.86
CA GLU A 130 -20.66 -10.68 10.55
C GLU A 130 -19.79 -11.92 10.75
N ARG A 131 -18.48 -11.76 10.60
CA ARG A 131 -17.51 -12.84 10.68
C ARG A 131 -17.63 -13.79 9.47
N THR A 132 -18.53 -13.44 8.55
CA THR A 132 -18.69 -14.19 7.30
C THR A 132 -18.97 -13.28 6.10
N PHE A 133 -19.26 -13.90 4.96
CA PHE A 133 -19.66 -13.19 3.74
C PHE A 133 -20.40 -14.17 2.84
N GLU A 134 -21.21 -13.67 1.91
CA GLU A 134 -21.81 -14.58 0.94
C GLU A 134 -21.27 -14.31 -0.46
N ARG A 135 -20.79 -15.38 -1.10
CA ARG A 135 -20.27 -15.33 -2.47
C ARG A 135 -21.30 -14.73 -3.40
N VAL A 136 -20.89 -14.39 -4.61
CA VAL A 136 -21.82 -13.85 -5.60
C VAL A 136 -22.90 -14.90 -5.95
N GLY A 137 -24.15 -14.58 -5.61
CA GLY A 137 -25.28 -15.45 -5.90
C GLY A 137 -25.34 -16.70 -5.03
N SER A 138 -25.17 -16.52 -3.73
CA SER A 138 -25.28 -17.65 -2.80
C SER A 138 -25.94 -17.26 -1.48
N ASN A 139 -26.95 -18.04 -1.09
CA ASN A 139 -27.69 -17.82 0.15
C ASN A 139 -26.89 -18.18 1.41
N LYS A 140 -25.65 -18.62 1.23
CA LYS A 140 -24.86 -19.17 2.33
C LYS A 140 -23.75 -18.24 2.84
N THR A 141 -23.53 -18.29 4.15
CA THR A 141 -22.48 -17.53 4.80
C THR A 141 -21.28 -18.43 5.09
N GLN A 142 -20.07 -17.88 4.94
CA GLN A 142 -18.82 -18.63 5.09
C GLN A 142 -17.91 -18.02 6.16
N ASN A 143 -17.50 -18.85 7.12
CA ASN A 143 -16.60 -18.42 8.19
C ASN A 143 -15.19 -17.93 7.72
N VAL A 144 -14.73 -16.80 8.26
CA VAL A 144 -13.50 -16.13 7.80
C VAL A 144 -12.68 -15.47 8.93
N ASP A 145 -11.43 -15.95 9.09
CA ASP A 145 -10.47 -15.34 10.00
C ASP A 145 -9.49 -14.49 9.20
N VAL A 146 -9.67 -13.16 9.26
CA VAL A 146 -8.85 -12.23 8.49
C VAL A 146 -8.62 -10.91 9.26
N ARG A 147 -7.37 -10.42 9.30
CA ARG A 147 -7.08 -9.11 9.88
C ARG A 147 -7.02 -8.03 8.79
N ILE A 148 -7.55 -6.87 9.13
CA ILE A 148 -7.84 -5.85 8.12
C ILE A 148 -6.93 -4.66 8.23
N ILE A 149 -6.28 -4.31 7.13
CA ILE A 149 -5.48 -3.08 7.07
C ILE A 149 -5.97 -2.28 5.86
N ALA A 150 -6.08 -0.96 5.99
CA ALA A 150 -6.52 -0.17 4.86
C ALA A 150 -5.98 1.23 4.85
N ALA A 151 -5.85 1.77 3.65
CA ALA A 151 -5.11 2.99 3.44
C ALA A 151 -5.79 3.87 2.43
N THR A 152 -6.18 5.06 2.87
CA THR A 152 -6.75 6.00 1.94
C THR A 152 -5.88 7.19 1.91
N HIS A 153 -5.73 7.73 0.72
CA HIS A 153 -4.98 8.94 0.59
C HIS A 153 -5.82 10.12 1.11
N LYS A 154 -7.14 9.96 1.13
CA LYS A 154 -8.08 11.06 1.39
C LYS A 154 -8.47 11.16 2.87
N ASN A 155 -8.99 12.32 3.27
CA ASN A 155 -9.50 12.55 4.61
C ASN A 155 -10.94 12.12 4.74
N LEU A 156 -11.20 11.27 5.74
CA LEU A 156 -12.50 10.63 5.90
C LEU A 156 -13.43 11.42 6.77
N GLU A 157 -12.87 12.23 7.66
CA GLU A 157 -13.69 13.12 8.48
C GLU A 157 -14.58 13.98 7.58
N LYS A 158 -14.04 14.33 6.41
CA LYS A 158 -14.76 15.10 5.40
C LYS A 158 -15.44 14.18 4.38
N MET A 159 -15.03 12.93 4.33
CA MET A 159 -15.74 11.92 3.54
C MET A 159 -17.06 11.54 4.24
N ILE A 160 -17.10 11.75 5.56
CA ILE A 160 -18.29 11.45 6.37
C ILE A 160 -19.33 12.56 6.28
N GLU A 161 -18.89 13.79 6.51
CA GLU A 161 -19.77 14.93 6.40
C GLU A 161 -20.36 14.96 5.01
N ASP A 162 -19.52 14.87 4.00
CA ASP A 162 -20.01 14.81 2.62
C ASP A 162 -20.94 13.61 2.37
N GLY A 163 -21.02 12.72 3.35
CA GLY A 163 -21.81 11.51 3.22
C GLY A 163 -20.93 10.30 2.96
N THR A 164 -20.33 10.25 1.78
CA THR A 164 -19.81 9.02 1.15
C THR A 164 -19.18 7.96 2.07
N PHE A 165 -18.73 8.33 3.27
CA PHE A 165 -18.20 7.29 4.13
C PHE A 165 -19.04 7.10 5.42
N ARG A 166 -19.34 5.84 5.72
CA ARG A 166 -20.20 5.49 6.83
C ARG A 166 -19.46 5.52 8.17
N GLU A 167 -19.99 6.30 9.12
CA GLU A 167 -19.36 6.52 10.42
C GLU A 167 -19.25 5.29 11.35
N ASP A 168 -19.68 4.12 10.88
CA ASP A 168 -19.49 2.88 11.66
C ASP A 168 -18.33 2.00 11.09
N LEU A 169 -18.04 2.16 9.81
CA LEU A 169 -16.80 1.65 9.24
C LEU A 169 -15.69 2.27 10.07
N TYR A 170 -15.55 3.57 9.88
CA TYR A 170 -14.57 4.42 10.56
C TYR A 170 -14.41 4.12 12.05
N TYR A 171 -15.49 3.79 12.73
CA TYR A 171 -15.39 3.58 14.17
C TYR A 171 -14.57 2.33 14.48
N ARG A 172 -14.66 1.35 13.58
CA ARG A 172 -14.04 0.05 13.82
C ARG A 172 -12.64 -0.04 13.20
N LEU A 173 -12.26 0.97 12.41
CA LEU A 173 -10.97 0.96 11.72
C LEU A 173 -9.92 1.85 12.38
N ASN A 174 -10.32 2.61 13.38
CA ASN A 174 -9.39 3.56 13.98
C ASN A 174 -8.94 3.07 15.35
N VAL A 175 -8.86 1.75 15.50
CA VAL A 175 -8.27 1.16 16.69
C VAL A 175 -6.78 1.53 16.74
N PHE A 176 -6.18 1.64 15.56
CA PHE A 176 -4.78 2.02 15.42
C PHE A 176 -4.59 2.93 14.24
N PRO A 177 -4.60 4.24 14.48
CA PRO A 177 -4.25 5.09 13.36
C PRO A 177 -2.75 5.07 13.17
N ILE A 178 -2.30 5.04 11.92
CA ILE A 178 -0.92 5.39 11.59
C ILE A 178 -0.94 6.40 10.46
N GLU A 179 -0.11 7.43 10.63
CA GLU A 179 -0.07 8.58 9.74
C GLU A 179 1.30 8.69 9.11
N MET A 180 1.37 8.47 7.80
CA MET A 180 2.63 8.53 7.06
C MET A 180 3.19 9.94 6.92
N ALA A 181 4.50 10.05 6.78
CA ALA A 181 5.12 11.33 6.51
C ALA A 181 5.57 11.40 5.06
N PRO A 182 5.20 12.48 4.36
CA PRO A 182 5.59 12.66 2.95
C PRO A 182 7.10 12.66 2.84
N LEU A 183 7.65 12.18 1.72
CA LEU A 183 9.11 12.02 1.60
C LEU A 183 9.86 13.33 1.80
N ARG A 184 9.27 14.43 1.32
CA ARG A 184 9.88 15.74 1.40
C ARG A 184 9.93 16.29 2.82
N GLU A 185 9.31 15.60 3.75
CA GLU A 185 9.50 15.89 5.17
C GLU A 185 10.56 14.96 5.75
N ARG A 186 11.15 14.15 4.88
CA ARG A 186 12.05 13.09 5.35
C ARG A 186 13.44 13.13 4.70
N VAL A 187 13.90 14.30 4.29
CA VAL A 187 15.06 14.40 3.43
C VAL A 187 16.38 13.94 4.06
N GLU A 188 16.40 13.89 5.40
CA GLU A 188 17.49 13.21 6.08
C GLU A 188 17.68 11.82 5.45
N ASP A 189 16.56 11.26 5.02
CA ASP A 189 16.52 9.87 4.75
C ASP A 189 16.67 9.50 3.31
N ILE A 190 16.72 10.47 2.40
CA ILE A 190 16.93 10.17 0.95
C ILE A 190 18.09 9.16 0.64
N ALA A 191 19.29 9.70 0.85
CA ALA A 191 20.55 8.99 0.68
C ALA A 191 20.37 7.58 1.11
N LEU A 192 20.17 7.39 2.42
CA LEU A 192 19.91 6.09 3.02
C LEU A 192 19.20 5.05 2.09
N LEU A 193 17.92 5.30 1.78
CA LEU A 193 17.15 4.35 0.96
C LEU A 193 17.61 4.32 -0.51
N LEU A 194 18.16 5.40 -1.03
CA LEU A 194 18.81 5.31 -2.32
C LEU A 194 19.79 4.12 -2.36
N ASN A 195 20.50 3.87 -1.25
CA ASN A 195 21.41 2.71 -1.15
C ASN A 195 20.59 1.44 -1.24
N GLU A 196 19.64 1.35 -0.33
CA GLU A 196 18.56 0.37 -0.31
C GLU A 196 18.03 0.03 -1.67
N LEU A 197 18.11 1.00 -2.57
CA LEU A 197 17.49 0.87 -3.88
C LEU A 197 18.39 0.15 -4.84
N ILE A 198 19.62 0.60 -4.94
CA ILE A 198 20.43 -0.06 -5.92
C ILE A 198 20.78 -1.44 -5.43
N SER A 199 20.69 -1.64 -4.12
CA SER A 199 20.84 -2.96 -3.55
C SER A 199 19.66 -3.87 -3.88
N ARG A 200 18.46 -3.33 -4.14
CA ARG A 200 17.42 -4.18 -4.72
C ARG A 200 17.80 -4.35 -6.20
N MET A 201 17.69 -3.26 -6.94
CA MET A 201 17.84 -3.28 -8.39
C MET A 201 19.11 -3.99 -8.90
N GLU A 202 20.23 -3.92 -8.17
CA GLU A 202 21.43 -4.61 -8.62
C GLU A 202 21.15 -6.08 -9.00
N HIS A 203 20.07 -6.61 -8.45
CA HIS A 203 19.68 -8.02 -8.66
C HIS A 203 18.34 -8.10 -9.37
N GLU A 204 18.09 -7.13 -10.24
CA GLU A 204 16.84 -7.02 -10.98
C GLU A 204 17.30 -7.11 -12.42
N LYS A 205 18.34 -6.33 -12.71
CA LYS A 205 18.89 -6.26 -14.05
C LYS A 205 20.39 -6.37 -14.05
N ARG A 206 20.81 -6.64 -15.26
CA ARG A 206 22.17 -6.62 -15.55
C ARG A 206 22.60 -5.26 -15.10
N GLY A 207 23.61 -5.30 -14.26
CA GLY A 207 24.26 -4.10 -13.80
C GLY A 207 23.93 -3.63 -12.41
N SER A 208 24.11 -2.32 -12.25
CA SER A 208 24.03 -1.61 -10.99
C SER A 208 24.43 -0.19 -11.30
N ILE A 209 23.84 0.79 -10.64
CA ILE A 209 24.36 2.12 -10.85
C ILE A 209 24.97 2.67 -9.58
N ARG A 210 25.16 3.99 -9.55
CA ARG A 210 25.66 4.66 -8.38
C ARG A 210 25.45 6.16 -8.60
N PHE A 211 24.96 6.86 -7.58
CA PHE A 211 24.72 8.28 -7.75
C PHE A 211 25.91 9.12 -7.35
N ASN A 212 26.37 10.04 -8.18
CA ASN A 212 27.44 10.89 -7.68
C ASN A 212 26.84 11.96 -6.76
N SER A 213 27.68 12.60 -5.96
CA SER A 213 27.19 13.48 -4.91
C SER A 213 26.45 14.64 -5.53
N ALA A 214 26.84 14.97 -6.74
CA ALA A 214 26.21 16.03 -7.50
C ALA A 214 24.69 15.88 -7.54
N ALA A 215 24.26 14.75 -8.09
CA ALA A 215 22.86 14.50 -8.35
C ALA A 215 22.15 14.18 -7.06
N ILE A 216 22.90 13.79 -6.03
CA ILE A 216 22.25 13.35 -4.81
C ILE A 216 21.67 14.53 -4.05
N MET A 217 22.54 15.47 -3.68
CA MET A 217 22.05 16.75 -3.17
C MET A 217 20.87 17.21 -4.05
N SER A 218 21.05 17.18 -5.38
CA SER A 218 19.97 17.55 -6.32
C SER A 218 18.66 16.80 -6.04
N LEU A 219 18.77 15.55 -5.58
CA LEU A 219 17.58 14.76 -5.24
C LEU A 219 17.05 15.10 -3.88
N CYS A 220 17.88 15.71 -3.05
CA CYS A 220 17.41 16.16 -1.76
C CYS A 220 16.71 17.48 -1.92
N ARG A 221 16.87 18.08 -3.10
CA ARG A 221 16.19 19.33 -3.40
C ARG A 221 14.70 19.10 -3.60
N HIS A 222 14.39 18.26 -4.58
CA HIS A 222 13.05 18.03 -5.15
C HIS A 222 11.82 17.92 -4.22
N ASP A 223 10.64 18.10 -4.81
CA ASP A 223 9.32 18.03 -4.16
C ASP A 223 8.91 16.67 -3.63
N TRP A 224 9.07 15.69 -4.50
CA TRP A 224 8.47 14.37 -4.34
C TRP A 224 7.01 14.53 -4.02
N PRO A 225 6.25 15.01 -5.02
CA PRO A 225 4.79 14.99 -4.90
C PRO A 225 4.37 13.53 -4.93
N GLY A 226 5.10 12.74 -5.73
CA GLY A 226 4.89 11.31 -5.84
C GLY A 226 5.58 10.53 -4.73
N ASN A 227 6.35 11.24 -3.92
CA ASN A 227 6.99 10.63 -2.75
C ASN A 227 7.79 9.34 -3.08
N VAL A 228 7.90 8.45 -2.09
CA VAL A 228 8.79 7.30 -2.16
C VAL A 228 8.52 6.48 -3.41
N ARG A 229 7.26 6.27 -3.73
CA ARG A 229 6.92 5.60 -4.98
C ARG A 229 7.51 6.31 -6.19
N GLU A 230 7.51 7.64 -6.17
CA GLU A 230 7.97 8.38 -7.34
C GLU A 230 9.42 8.11 -7.52
N LEU A 231 10.16 8.25 -6.43
CA LEU A 231 11.58 7.94 -6.42
C LEU A 231 11.86 6.48 -6.82
N ALA A 232 11.02 5.56 -6.40
CA ALA A 232 11.23 4.18 -6.75
C ALA A 232 11.18 4.07 -8.26
N ASN A 233 10.15 4.64 -8.87
CA ASN A 233 10.04 4.60 -10.33
C ASN A 233 11.30 5.15 -10.99
N LEU A 234 11.87 6.19 -10.39
CA LEU A 234 12.97 6.92 -10.98
C LEU A 234 14.24 6.10 -10.99
N VAL A 235 14.54 5.47 -9.87
CA VAL A 235 15.76 4.68 -9.73
C VAL A 235 15.64 3.48 -10.65
N GLU A 236 14.47 2.85 -10.70
CA GLU A 236 14.30 1.73 -11.61
C GLU A 236 14.60 2.19 -13.02
N ARG A 237 14.21 3.41 -13.42
CA ARG A 237 14.39 3.82 -14.81
C ARG A 237 15.85 3.83 -15.24
N LEU A 238 16.64 4.57 -14.49
CA LEU A 238 18.04 4.71 -14.80
C LEU A 238 18.79 3.38 -14.64
N ALA A 239 18.35 2.56 -13.70
CA ALA A 239 19.06 1.31 -13.49
C ALA A 239 18.97 0.45 -14.74
N ILE A 240 17.98 0.69 -15.58
CA ILE A 240 17.96 -0.07 -16.82
C ILE A 240 18.48 0.79 -17.96
N MET A 241 18.34 2.12 -17.79
CA MET A 241 18.68 3.08 -18.85
C MET A 241 20.20 3.15 -19.15
N HIS A 242 20.97 3.59 -18.15
CA HIS A 242 22.40 3.51 -18.21
C HIS A 242 22.82 2.58 -17.14
N PRO A 243 23.26 1.31 -17.57
CA PRO A 243 23.66 0.45 -16.48
C PRO A 243 25.14 0.37 -16.37
N TYR A 244 25.60 0.44 -15.13
CA TYR A 244 26.98 0.34 -14.68
C TYR A 244 27.55 1.70 -14.47
N GLY A 245 26.93 2.67 -15.08
CA GLY A 245 27.39 4.04 -15.11
C GLY A 245 27.19 4.78 -13.83
N VAL A 246 27.77 5.96 -13.77
CA VAL A 246 27.76 6.78 -12.59
C VAL A 246 26.42 7.33 -12.12
N ILE A 247 25.62 7.83 -13.04
CA ILE A 247 24.38 8.55 -12.76
C ILE A 247 24.76 9.97 -12.62
N GLY A 248 23.79 10.87 -12.57
CA GLY A 248 24.07 12.27 -12.44
C GLY A 248 24.79 12.60 -13.71
N VAL A 249 25.56 13.66 -13.73
CA VAL A 249 25.37 14.78 -12.85
C VAL A 249 24.01 15.33 -13.24
N GLY A 250 23.77 15.37 -14.54
CA GLY A 250 22.52 15.82 -15.11
C GLY A 250 22.05 14.80 -16.11
N GLU A 251 22.23 13.55 -15.79
CA GLU A 251 21.69 12.50 -16.63
C GLU A 251 20.26 12.13 -16.24
N LEU A 252 19.80 12.69 -15.14
CA LEU A 252 18.44 12.52 -14.74
C LEU A 252 17.54 13.45 -15.51
N PRO A 253 16.24 13.21 -15.48
CA PRO A 253 15.31 14.09 -16.18
C PRO A 253 15.57 15.56 -15.89
N LYS A 254 15.46 16.33 -16.96
CA LYS A 254 15.58 17.77 -16.98
C LYS A 254 14.74 18.47 -15.91
N LYS A 255 13.98 17.69 -15.13
CA LYS A 255 13.05 18.23 -14.15
C LYS A 255 13.76 18.69 -12.86
N PHE A 256 14.53 17.81 -12.23
CA PHE A 256 15.19 18.09 -10.95
C PHE A 256 16.54 18.76 -11.14
N ARG A 257 16.75 19.33 -12.31
CA ARG A 257 17.91 20.16 -12.59
C ARG A 257 17.93 21.32 -11.58
N HIS A 258 18.45 21.05 -10.38
CA HIS A 258 18.26 21.95 -9.22
C HIS A 258 19.52 22.59 -8.61
N VAL A 259 19.49 23.92 -8.45
CA VAL A 259 20.60 24.68 -7.85
C VAL A 259 20.31 25.03 -6.38
S SO4 B . 2.27 3.09 -1.33
O1 SO4 B . 2.85 1.97 -0.59
O2 SO4 B . 2.94 4.34 -1.04
O3 SO4 B . 0.89 3.25 -0.87
O4 SO4 B . 2.34 2.91 -2.78
P1 C2E C . 17.13 -11.40 -3.88
O2P C2E C . 17.56 -11.72 -5.23
O1P C2E C . 15.77 -10.97 -3.69
O5' C2E C . 18.16 -10.43 -3.23
C5' C2E C . 19.39 -10.99 -2.94
C4' C2E C . 20.34 -10.04 -2.26
O4' C2E C . 20.04 -8.78 -2.74
C3' C2E C . 20.01 -9.91 -0.82
O3' C2E C . 20.69 -10.82 0.02
C2' C2E C . 20.43 -8.52 -0.50
O2' C2E C . 21.82 -8.51 -0.59
C1' C2E C . 20.11 -7.81 -1.73
N9 C2E C . 18.86 -7.10 -1.65
C8 C2E C . 17.78 -7.38 -2.34
N7 C2E C . 16.79 -6.51 -2.09
C5 C2E C . 17.25 -5.64 -1.22
C6 C2E C . 16.74 -4.45 -0.53
O6 C2E C . 15.59 -4.07 -0.73
N1 C2E C . 17.54 -3.83 0.29
C2 C2E C . 18.76 -4.22 0.49
N2 C2E C . 19.52 -3.55 1.32
N3 C2E C . 19.30 -5.28 -0.09
C4 C2E C . 18.61 -6.03 -0.94
P11 C2E C . 19.85 -11.10 1.26
O21 C2E C . 19.66 -9.82 1.87
O11 C2E C . 20.36 -12.21 2.02
O5A C2E C . 18.54 -11.62 0.66
C5A C2E C . 18.74 -12.69 -0.19
C4A C2E C . 17.49 -13.35 -0.73
O4A C2E C . 16.55 -13.70 0.26
C3A C2E C . 16.75 -12.48 -1.67
O3A C2E C . 17.22 -12.66 -2.98
C2A C2E C . 15.40 -13.08 -1.59
O2A C2E C . 15.51 -14.28 -2.31
C1A C2E C . 15.24 -13.44 -0.15
N91 C2E C . 14.69 -12.36 0.69
C81 C2E C . 15.39 -11.63 1.54
N71 C2E C . 14.65 -10.75 2.21
C51 C2E C . 13.42 -10.89 1.79
C61 C2E C . 12.15 -10.22 2.08
O61 C2E C . 12.07 -9.31 2.91
N11 C2E C . 11.10 -10.63 1.44
C21 C2E C . 11.17 -11.60 0.56
N21 C2E C . 10.07 -11.98 -0.06
N31 C2E C . 12.28 -12.24 0.24
C41 C2E C . 13.44 -11.94 0.80
P1 C2E D . 10.78 -4.77 4.64
O2P C2E D . 10.60 -3.37 4.88
O1P C2E D . 12.12 -5.29 4.56
O5' C2E D . 9.97 -5.16 3.39
C5' C2E D . 10.23 -4.60 2.13
C4' C2E D . 9.31 -5.26 1.11
O4' C2E D . 9.87 -5.15 -0.17
C3' C2E D . 9.16 -6.73 1.36
O3' C2E D . 7.85 -7.10 1.56
C2' C2E D . 9.45 -7.43 0.10
O2' C2E D . 8.18 -7.86 -0.31
C1' C2E D . 10.15 -6.41 -0.72
N9 C2E D . 11.53 -6.76 -0.37
C8 C2E D . 12.24 -6.22 0.58
N7 C2E D . 13.45 -6.78 0.66
C5 C2E D . 13.50 -7.70 -0.25
C6 C2E D . 14.49 -8.65 -0.70
O6 C2E D . 15.58 -8.69 -0.15
N1 C2E D . 14.17 -9.46 -1.67
C2 C2E D . 12.99 -9.42 -2.25
N2 C2E D . 12.71 -10.25 -3.24
N3 C2E D . 12.05 -8.57 -1.89
C4 C2E D . 12.24 -7.69 -0.91
P11 C2E D . 7.70 -8.39 2.37
O21 C2E D . 8.50 -9.39 1.69
O11 C2E D . 6.32 -8.73 2.68
O5A C2E D . 8.33 -7.82 3.67
C5A C2E D . 8.20 -8.56 4.85
C4A C2E D . 8.80 -7.73 5.97
O4A C2E D . 9.12 -8.69 6.95
C3A C2E D . 10.07 -7.02 5.58
O3A C2E D . 10.00 -5.63 5.70
C2A C2E D . 10.97 -7.37 6.70
O2A C2E D . 10.54 -6.53 7.73
C1A C2E D . 10.51 -8.71 7.13
N91 C2E D . 11.02 -9.83 6.32
C81 C2E D . 10.47 -10.26 5.22
N71 C2E D . 11.12 -11.33 4.74
C51 C2E D . 12.09 -11.58 5.56
C61 C2E D . 13.13 -12.57 5.61
O61 C2E D . 13.20 -13.40 4.72
N11 C2E D . 13.97 -12.52 6.60
C21 C2E D . 13.88 -11.62 7.54
N21 C2E D . 14.76 -11.62 8.52
N31 C2E D . 12.95 -10.69 7.55
C41 C2E D . 12.03 -10.61 6.60
#